data_5X5R
#
_entry.id   5X5R
#
_cell.length_a   120.011
_cell.length_b   48.759
_cell.length_c   80.301
_cell.angle_alpha   90.00
_cell.angle_beta   125.51
_cell.angle_gamma   90.00
#
_symmetry.space_group_name_H-M   'C 1 2 1'
#
loop_
_entity.id
_entity.type
_entity.pdbx_description
1 polymer 'Lin2189 protein'
2 water water
#
_entity_poly.entity_id   1
_entity_poly.type   'polypeptide(L)'
_entity_poly.pdbx_seq_one_letter_code
;MGSHHHHHHTEKKIDFKKEEKKFYAPKRKPERIFVPEMNFLMVDGKGDPDGEEYQKAVQSLYAIAYTIKMSKMGETRLDG
YSDFVVPPLEGFWWSEGKFDLKDRDAWLWTSILRQPDFVTEEVLEWAKEVARKKKPDVDTSRVKLVRFEEGECVQMMHVG
PFSEAVHTVAEMHQFMETEGLRNDTGAIRKHHLIYLSDPRKANPEKMKTILRLPVS
;
_entity_poly.pdbx_strand_id   A,B
#
# COMPACT_ATOMS: atom_id res chain seq x y z
N LYS A 13 -2.81 -12.43 -37.13
CA LYS A 13 -2.93 -11.78 -35.83
C LYS A 13 -2.88 -12.82 -34.72
N ILE A 14 -1.96 -12.62 -33.76
CA ILE A 14 -1.79 -13.55 -32.65
C ILE A 14 -2.93 -13.34 -31.65
N ASP A 15 -3.58 -14.43 -31.26
CA ASP A 15 -4.51 -14.39 -30.13
C ASP A 15 -4.09 -15.51 -29.19
N PHE A 16 -3.47 -15.13 -28.06
CA PHE A 16 -2.99 -16.13 -27.13
C PHE A 16 -4.13 -17.00 -26.60
N LYS A 17 -5.34 -16.44 -26.46
CA LYS A 17 -6.45 -17.20 -25.90
C LYS A 17 -6.89 -18.32 -26.83
N LYS A 18 -6.75 -18.09 -28.13
CA LYS A 18 -7.14 -19.05 -29.15
C LYS A 18 -6.03 -20.05 -29.42
N GLU A 19 -4.81 -19.57 -29.51
CA GLU A 19 -3.67 -20.42 -29.87
C GLU A 19 -3.20 -21.29 -28.72
N GLU A 20 -3.39 -20.85 -27.49
CA GLU A 20 -2.89 -21.57 -26.33
C GLU A 20 -4.03 -21.71 -25.32
N LYS A 21 -5.09 -22.35 -25.78
CA LYS A 21 -6.37 -22.32 -25.08
C LYS A 21 -6.29 -22.96 -23.69
N LYS A 22 -5.49 -24.04 -23.51
CA LYS A 22 -5.48 -24.66 -22.18
C LYS A 22 -5.10 -23.64 -21.10
N PHE A 23 -4.22 -22.67 -21.43
CA PHE A 23 -3.78 -21.69 -20.44
C PHE A 23 -4.85 -20.65 -20.12
N TYR A 24 -5.88 -20.50 -20.94
CA TYR A 24 -6.85 -19.44 -20.69
C TYR A 24 -8.27 -19.95 -20.55
N ALA A 25 -8.50 -21.27 -20.55
CA ALA A 25 -9.85 -21.82 -20.49
C ALA A 25 -9.89 -23.11 -19.67
N PRO A 26 -9.43 -23.10 -18.43
CA PRO A 26 -9.64 -24.26 -17.58
C PRO A 26 -11.12 -24.44 -17.26
N LYS A 27 -11.48 -25.62 -16.81
CA LYS A 27 -12.84 -25.87 -16.35
C LYS A 27 -12.94 -25.55 -14.86
N ARG A 28 -14.13 -25.77 -14.29
CA ARG A 28 -14.34 -25.54 -12.86
C ARG A 28 -13.95 -26.78 -12.04
N LYS A 29 -12.80 -27.34 -12.35
CA LYS A 29 -12.17 -28.42 -11.61
C LYS A 29 -10.67 -28.19 -11.67
N PRO A 30 -9.92 -28.66 -10.67
CA PRO A 30 -8.46 -28.46 -10.69
C PRO A 30 -7.82 -29.32 -11.75
N GLU A 31 -6.79 -28.79 -12.39
CA GLU A 31 -6.04 -29.53 -13.38
C GLU A 31 -4.56 -29.18 -13.23
N ARG A 32 -3.71 -30.15 -13.50
CA ARG A 32 -2.27 -29.90 -13.58
C ARG A 32 -1.93 -29.28 -14.93
N ILE A 33 -0.99 -28.35 -14.93
CA ILE A 33 -0.57 -27.65 -16.13
C ILE A 33 0.90 -27.27 -15.99
N PHE A 34 1.68 -27.44 -17.05
CA PHE A 34 3.02 -26.87 -17.11
C PHE A 34 2.94 -25.62 -17.99
N VAL A 35 3.29 -24.48 -17.41
CA VAL A 35 3.18 -23.19 -18.10
C VAL A 35 4.59 -22.80 -18.59
N PRO A 36 4.84 -22.80 -19.88
CA PRO A 36 6.19 -22.55 -20.39
C PRO A 36 6.53 -21.06 -20.35
N GLU A 37 7.76 -20.77 -20.73
CA GLU A 37 8.23 -19.39 -20.74
C GLU A 37 7.36 -18.52 -21.63
N MET A 38 7.00 -17.34 -21.11
CA MET A 38 6.21 -16.36 -21.84
C MET A 38 6.84 -14.98 -21.63
N ASN A 39 6.47 -14.03 -22.49
CA ASN A 39 7.00 -12.67 -22.49
C ASN A 39 5.92 -11.76 -21.90
N PHE A 40 6.29 -10.91 -20.94
CA PHE A 40 5.30 -10.09 -20.23
C PHE A 40 5.75 -8.66 -20.05
N LEU A 41 4.81 -7.72 -20.15
CA LEU A 41 4.95 -6.44 -19.46
C LEU A 41 4.54 -6.62 -18.00
N MET A 42 5.32 -6.03 -17.08
CA MET A 42 5.02 -6.20 -15.65
C MET A 42 5.16 -4.87 -14.91
N VAL A 43 4.31 -4.63 -13.92
CA VAL A 43 4.45 -3.51 -12.99
C VAL A 43 4.27 -4.04 -11.57
N ASP A 44 5.28 -3.84 -10.72
CA ASP A 44 5.18 -4.18 -9.30
C ASP A 44 4.46 -3.06 -8.54
N GLY A 45 3.68 -3.42 -7.54
CA GLY A 45 3.02 -2.38 -6.77
C GLY A 45 2.47 -2.89 -5.46
N LYS A 46 1.67 -2.04 -4.82
CA LYS A 46 1.08 -2.34 -3.53
C LYS A 46 -0.26 -1.65 -3.42
N GLY A 47 -1.11 -2.23 -2.58
CA GLY A 47 -2.35 -1.62 -2.17
C GLY A 47 -3.57 -2.02 -2.98
N ASP A 48 -4.63 -1.27 -2.69
CA ASP A 48 -5.99 -1.55 -3.12
C ASP A 48 -6.13 -1.41 -4.63
N PRO A 49 -6.82 -2.34 -5.29
CA PRO A 49 -7.05 -2.16 -6.73
C PRO A 49 -7.74 -0.85 -7.07
N ASP A 50 -8.47 -0.23 -6.12
CA ASP A 50 -9.05 1.09 -6.34
C ASP A 50 -8.06 2.22 -6.07
N GLY A 51 -6.87 1.91 -5.56
CA GLY A 51 -5.88 2.93 -5.29
C GLY A 51 -5.15 3.42 -6.52
N GLU A 52 -4.57 4.62 -6.38
CA GLU A 52 -3.74 5.24 -7.41
C GLU A 52 -2.76 4.25 -8.03
N GLU A 53 -2.05 3.50 -7.18
CA GLU A 53 -0.92 2.71 -7.67
C GLU A 53 -1.38 1.61 -8.63
N TYR A 54 -2.44 0.88 -8.26
CA TYR A 54 -2.92 -0.16 -9.16
C TYR A 54 -3.56 0.44 -10.41
N GLN A 55 -4.35 1.50 -10.26
CA GLN A 55 -4.95 2.13 -11.43
C GLN A 55 -3.88 2.61 -12.41
N LYS A 56 -2.82 3.22 -11.89
CA LYS A 56 -1.77 3.66 -12.81
C LYS A 56 -1.04 2.46 -13.42
N ALA A 57 -0.88 1.37 -12.65
CA ALA A 57 -0.21 0.20 -13.20
C ALA A 57 -0.97 -0.35 -14.39
N VAL A 58 -2.29 -0.53 -14.25
CA VAL A 58 -3.06 -1.09 -15.34
C VAL A 58 -3.09 -0.13 -16.53
N GLN A 59 -3.22 1.17 -16.26
CA GLN A 59 -3.20 2.14 -17.34
C GLN A 59 -1.90 2.08 -18.11
N SER A 60 -0.78 1.92 -17.41
CA SER A 60 0.53 1.91 -18.07
C SER A 60 0.70 0.65 -18.90
N LEU A 61 0.25 -0.49 -18.39
CA LEU A 61 0.39 -1.74 -19.14
C LEU A 61 -0.36 -1.67 -20.46
N TYR A 62 -1.63 -1.24 -20.41
CA TYR A 62 -2.41 -1.15 -21.64
C TYR A 62 -1.90 -0.04 -22.56
N ALA A 63 -1.40 1.06 -22.01
CA ALA A 63 -0.84 2.10 -22.87
C ALA A 63 0.32 1.56 -23.70
N ILE A 64 1.23 0.82 -23.05
CA ILE A 64 2.37 0.26 -23.78
C ILE A 64 1.91 -0.81 -24.74
N ALA A 65 1.04 -1.73 -24.29
CA ALA A 65 0.59 -2.81 -25.18
C ALA A 65 -0.07 -2.25 -26.44
N TYR A 66 -0.94 -1.25 -26.30
CA TYR A 66 -1.62 -0.71 -27.47
C TYR A 66 -0.69 0.12 -28.34
N THR A 67 0.30 0.80 -27.76
CA THR A 67 1.30 1.49 -28.59
C THR A 67 2.03 0.52 -29.50
N ILE A 68 2.42 -0.65 -28.95
CA ILE A 68 3.09 -1.67 -29.73
C ILE A 68 2.14 -2.26 -30.78
N LYS A 69 0.93 -2.62 -30.36
CA LYS A 69 0.00 -3.26 -31.30
C LYS A 69 -0.29 -2.32 -32.47
N MET A 70 -0.57 -1.05 -32.18
CA MET A 70 -1.05 -0.14 -33.21
C MET A 70 0.07 0.40 -34.07
N SER A 71 1.30 -0.01 -33.81
CA SER A 71 2.46 0.42 -34.60
C SER A 71 2.34 -0.03 -36.05
N LYS A 72 1.55 -1.06 -36.33
CA LYS A 72 1.27 -1.48 -37.69
C LYS A 72 0.83 -0.30 -38.55
N MET A 73 0.12 0.65 -37.96
CA MET A 73 -0.44 1.80 -38.66
C MET A 73 0.53 2.98 -38.73
N GLY A 74 1.77 2.81 -38.29
CA GLY A 74 2.69 3.93 -38.25
C GLY A 74 3.91 3.82 -39.14
N GLU A 75 4.97 4.58 -38.81
CA GLU A 75 6.15 4.68 -39.65
C GLU A 75 7.38 4.00 -39.05
N THR A 76 7.24 3.33 -37.91
CA THR A 76 8.36 2.66 -37.27
C THR A 76 8.28 1.17 -37.53
N ARG A 77 9.40 0.58 -37.93
CA ARG A 77 9.47 -0.86 -38.17
C ARG A 77 9.92 -1.52 -36.88
N LEU A 78 9.10 -2.42 -36.34
CA LEU A 78 9.51 -3.22 -35.20
C LEU A 78 9.90 -4.58 -35.76
N ASP A 79 11.12 -5.03 -35.43
CA ASP A 79 11.64 -6.26 -35.98
C ASP A 79 10.81 -7.45 -35.50
N GLY A 80 10.35 -8.26 -36.44
CA GLY A 80 9.54 -9.41 -36.12
C GLY A 80 8.10 -9.11 -35.77
N TYR A 81 7.64 -7.88 -36.03
CA TYR A 81 6.31 -7.46 -35.60
C TYR A 81 5.22 -8.41 -36.10
N SER A 82 4.26 -8.69 -35.22
CA SER A 82 2.99 -9.29 -35.60
C SER A 82 1.88 -8.56 -34.84
N ASP A 83 0.75 -8.34 -35.50
CA ASP A 83 -0.41 -7.82 -34.78
C ASP A 83 -0.84 -8.87 -33.76
N PHE A 84 -1.50 -8.42 -32.70
CA PHE A 84 -1.94 -9.36 -31.67
C PHE A 84 -3.15 -8.78 -30.95
N VAL A 85 -4.02 -9.67 -30.48
CA VAL A 85 -5.12 -9.27 -29.60
C VAL A 85 -4.54 -9.14 -28.21
N VAL A 86 -4.73 -7.98 -27.58
CA VAL A 86 -4.17 -7.80 -26.24
C VAL A 86 -4.80 -8.82 -25.30
N PRO A 87 -4.00 -9.59 -24.57
CA PRO A 87 -4.51 -10.69 -23.79
C PRO A 87 -5.15 -10.20 -22.50
N PRO A 88 -5.77 -11.10 -21.74
CA PRO A 88 -6.36 -10.72 -20.45
C PRO A 88 -5.32 -10.19 -19.48
N LEU A 89 -5.74 -9.25 -18.64
CA LEU A 89 -4.90 -8.81 -17.53
C LEU A 89 -4.69 -9.97 -16.59
N GLU A 90 -3.47 -10.06 -16.03
CA GLU A 90 -3.17 -11.06 -15.01
C GLU A 90 -2.50 -10.37 -13.83
N GLY A 91 -2.41 -11.11 -12.72
CA GLY A 91 -1.76 -10.53 -11.58
C GLY A 91 -1.20 -11.60 -10.68
N PHE A 92 -0.06 -11.33 -10.08
CA PHE A 92 0.48 -12.12 -8.99
C PHE A 92 0.20 -11.39 -7.69
N TRP A 93 -0.19 -12.13 -6.65
CA TRP A 93 -0.63 -11.48 -5.41
C TRP A 93 0.02 -12.16 -4.22
N TRP A 94 0.44 -11.36 -3.25
CA TRP A 94 1.06 -11.88 -2.04
C TRP A 94 1.13 -10.75 -1.01
N SER A 95 1.92 -10.97 0.04
CA SER A 95 2.20 -9.94 1.04
C SER A 95 3.43 -10.32 1.85
N ASP A 103 -8.19 -6.63 4.20
CA ASP A 103 -7.19 -5.58 4.21
C ASP A 103 -6.51 -5.45 2.84
N ARG A 104 -7.26 -4.91 1.89
CA ARG A 104 -6.77 -4.76 0.52
C ARG A 104 -5.61 -3.78 0.43
N ASP A 105 -5.48 -2.86 1.39
CA ASP A 105 -4.39 -1.89 1.33
C ASP A 105 -3.03 -2.55 1.56
N ALA A 106 -2.99 -3.70 2.21
CA ALA A 106 -1.75 -4.43 2.48
C ALA A 106 -1.34 -5.37 1.37
N TRP A 107 -2.11 -5.48 0.30
CA TRP A 107 -1.75 -6.39 -0.79
C TRP A 107 -0.48 -5.92 -1.48
N LEU A 108 0.39 -6.87 -1.82
CA LEU A 108 1.51 -6.65 -2.72
C LEU A 108 1.20 -7.41 -4.00
N TRP A 109 1.58 -6.85 -5.15
CA TRP A 109 1.18 -7.47 -6.41
C TRP A 109 2.15 -7.15 -7.53
N THR A 110 2.03 -7.93 -8.61
CA THR A 110 2.65 -7.63 -9.89
C THR A 110 1.57 -7.76 -10.94
N SER A 111 1.27 -6.65 -11.63
CA SER A 111 0.29 -6.63 -12.71
CA SER A 111 0.29 -6.63 -12.71
C SER A 111 0.99 -6.90 -14.02
N ILE A 112 0.39 -7.75 -14.87
CA ILE A 112 1.09 -8.22 -16.07
C ILE A 112 0.16 -8.36 -17.28
N LEU A 113 0.75 -8.16 -18.46
CA LEU A 113 0.11 -8.44 -19.74
C LEU A 113 1.09 -9.22 -20.60
N ARG A 114 0.65 -10.35 -21.11
CA ARG A 114 1.52 -11.10 -22.01
C ARG A 114 1.73 -10.32 -23.30
N GLN A 115 2.91 -10.53 -23.91
CA GLN A 115 3.30 -9.89 -25.16
C GLN A 115 3.87 -10.92 -26.12
N PRO A 116 3.75 -10.70 -27.43
CA PRO A 116 4.46 -11.58 -28.37
C PRO A 116 5.96 -11.54 -28.15
N ASP A 117 6.62 -12.59 -28.68
CA ASP A 117 8.07 -12.73 -28.50
C ASP A 117 8.86 -11.58 -29.13
N PHE A 118 8.34 -10.96 -30.19
CA PHE A 118 9.12 -9.90 -30.83
C PHE A 118 9.32 -8.68 -29.93
N VAL A 119 8.59 -8.58 -28.84
CA VAL A 119 8.73 -7.40 -27.97
C VAL A 119 10.00 -7.60 -27.16
N THR A 120 11.02 -6.78 -27.47
CA THR A 120 12.30 -6.75 -26.79
C THR A 120 12.39 -5.52 -25.90
N GLU A 121 13.49 -5.45 -25.14
CA GLU A 121 13.70 -4.27 -24.31
C GLU A 121 13.76 -2.99 -25.14
N GLU A 122 14.27 -3.09 -26.35
CA GLU A 122 14.36 -1.90 -27.19
C GLU A 122 12.99 -1.51 -27.74
N VAL A 123 12.14 -2.51 -28.04
CA VAL A 123 10.77 -2.18 -28.40
C VAL A 123 10.07 -1.49 -27.22
N LEU A 124 10.29 -1.99 -25.99
CA LEU A 124 9.67 -1.36 -24.83
C LEU A 124 10.15 0.09 -24.67
N GLU A 125 11.45 0.32 -24.85
CA GLU A 125 11.97 1.67 -24.72
C GLU A 125 11.38 2.59 -25.79
N TRP A 126 11.25 2.10 -27.02
CA TRP A 126 10.60 2.86 -28.07
C TRP A 126 9.16 3.18 -27.71
N ALA A 127 8.42 2.17 -27.22
CA ALA A 127 7.01 2.38 -26.89
C ALA A 127 6.86 3.41 -25.76
N LYS A 128 7.77 3.38 -24.78
CA LYS A 128 7.71 4.37 -23.71
C LYS A 128 7.89 5.79 -24.26
N GLU A 129 8.78 5.95 -25.25
CA GLU A 129 8.98 7.26 -25.84
C GLU A 129 7.75 7.71 -26.63
N VAL A 130 7.19 6.82 -27.44
CA VAL A 130 5.99 7.16 -28.18
C VAL A 130 4.85 7.51 -27.23
N ALA A 131 4.69 6.73 -26.16
CA ALA A 131 3.60 7.01 -25.23
C ALA A 131 3.80 8.32 -24.49
N ARG A 132 5.06 8.70 -24.20
CA ARG A 132 5.27 9.99 -23.55
C ARG A 132 4.85 11.14 -24.44
N LYS A 133 5.05 11.01 -25.74
CA LYS A 133 4.59 12.05 -26.66
C LYS A 133 3.08 12.03 -26.81
N LYS A 134 2.52 10.86 -27.13
CA LYS A 134 1.11 10.74 -27.49
C LYS A 134 0.18 10.60 -26.30
N LYS A 135 0.65 10.04 -25.19
CA LYS A 135 -0.18 9.80 -24.01
C LYS A 135 0.56 10.33 -22.78
N PRO A 136 0.86 11.63 -22.75
CA PRO A 136 1.85 12.14 -21.78
C PRO A 136 1.38 12.10 -20.33
N ASP A 137 0.09 11.89 -20.07
CA ASP A 137 -0.38 11.75 -18.70
C ASP A 137 -0.14 10.36 -18.12
N VAL A 138 0.29 9.40 -18.93
CA VAL A 138 0.50 8.02 -18.47
C VAL A 138 1.95 7.86 -18.06
N ASP A 139 2.16 7.43 -16.81
CA ASP A 139 3.51 7.17 -16.32
C ASP A 139 3.86 5.71 -16.64
N THR A 140 4.79 5.51 -17.55
CA THR A 140 5.22 4.17 -17.92
C THR A 140 6.56 3.80 -17.31
N SER A 141 7.09 4.62 -16.38
CA SER A 141 8.44 4.44 -15.88
C SER A 141 8.60 3.15 -15.08
N ARG A 142 7.51 2.56 -14.60
CA ARG A 142 7.57 1.34 -13.83
C ARG A 142 7.32 0.09 -14.65
N VAL A 143 7.00 0.23 -15.94
CA VAL A 143 6.75 -0.95 -16.78
C VAL A 143 8.09 -1.58 -17.14
N LYS A 144 8.20 -2.89 -16.90
CA LYS A 144 9.40 -3.61 -17.30
C LYS A 144 9.00 -4.78 -18.16
N LEU A 145 9.95 -5.27 -18.96
CA LEU A 145 9.73 -6.44 -19.80
C LEU A 145 10.42 -7.63 -19.14
N VAL A 146 9.66 -8.70 -18.91
CA VAL A 146 10.15 -9.84 -18.16
C VAL A 146 9.71 -11.12 -18.88
N ARG A 147 10.66 -12.00 -19.15
CA ARG A 147 10.32 -13.32 -19.65
C ARG A 147 10.34 -14.24 -18.44
N PHE A 148 9.30 -15.05 -18.33
CA PHE A 148 9.08 -15.83 -17.11
C PHE A 148 8.47 -17.17 -17.48
N GLU A 149 9.05 -18.26 -16.94
CA GLU A 149 8.49 -19.60 -17.05
C GLU A 149 7.81 -19.94 -15.73
N GLU A 150 6.48 -19.92 -15.71
CA GLU A 150 5.78 -20.16 -14.46
C GLU A 150 5.96 -21.60 -14.00
N GLY A 151 5.99 -22.54 -14.93
CA GLY A 151 6.32 -23.92 -14.59
C GLY A 151 5.14 -24.74 -14.15
N GLU A 152 5.38 -25.72 -13.27
CA GLU A 152 4.33 -26.65 -12.86
C GLU A 152 3.33 -25.98 -11.95
N CYS A 153 2.05 -26.07 -12.33
CA CYS A 153 0.97 -25.43 -11.60
C CYS A 153 -0.25 -26.33 -11.55
N VAL A 154 -1.16 -25.98 -10.66
CA VAL A 154 -2.54 -26.43 -10.69
C VAL A 154 -3.38 -25.20 -10.95
N GLN A 155 -4.42 -25.33 -11.78
CA GLN A 155 -5.27 -24.18 -12.06
C GLN A 155 -6.72 -24.61 -12.12
N MET A 156 -7.61 -23.64 -11.95
CA MET A 156 -9.03 -23.90 -11.94
C MET A 156 -9.76 -22.59 -12.24
N MET A 157 -10.88 -22.70 -12.94
CA MET A 157 -11.69 -21.53 -13.19
C MET A 157 -12.52 -21.23 -11.95
N HIS A 158 -12.38 -20.01 -11.41
CA HIS A 158 -13.26 -19.56 -10.35
C HIS A 158 -14.38 -18.74 -10.97
N VAL A 159 -15.62 -19.18 -10.75
CA VAL A 159 -16.80 -18.44 -11.22
C VAL A 159 -17.51 -17.86 -10.00
N GLY A 160 -17.65 -16.54 -9.98
CA GLY A 160 -18.33 -15.89 -8.88
C GLY A 160 -17.45 -14.87 -8.17
N PRO A 161 -17.94 -14.39 -7.04
CA PRO A 161 -17.25 -13.30 -6.34
C PRO A 161 -15.93 -13.75 -5.75
N PHE A 162 -14.98 -12.82 -5.66
CA PHE A 162 -13.71 -13.13 -5.03
C PHE A 162 -13.90 -13.61 -3.60
N SER A 163 -15.00 -13.21 -2.95
CA SER A 163 -15.26 -13.64 -1.58
C SER A 163 -15.49 -15.15 -1.46
N GLU A 164 -15.83 -15.83 -2.54
CA GLU A 164 -16.01 -17.27 -2.52
C GLU A 164 -14.82 -18.02 -3.11
N ALA A 165 -13.72 -17.32 -3.39
CA ALA A 165 -12.56 -17.99 -3.96
C ALA A 165 -11.98 -19.05 -3.03
N VAL A 166 -12.25 -18.98 -1.73
CA VAL A 166 -11.71 -19.99 -0.83
C VAL A 166 -12.23 -21.38 -1.18
N HIS A 167 -13.43 -21.47 -1.76
CA HIS A 167 -13.92 -22.78 -2.19
C HIS A 167 -13.08 -23.34 -3.33
N THR A 168 -12.71 -22.48 -4.28
CA THR A 168 -11.86 -22.93 -5.38
C THR A 168 -10.46 -23.29 -4.88
N VAL A 169 -9.85 -22.44 -4.05
CA VAL A 169 -8.53 -22.75 -3.49
C VAL A 169 -8.56 -24.04 -2.68
N ALA A 170 -9.56 -24.21 -1.82
CA ALA A 170 -9.66 -25.43 -1.01
C ALA A 170 -9.70 -26.66 -1.89
N GLU A 171 -10.51 -26.58 -2.94
CA GLU A 171 -10.67 -27.67 -3.88
C GLU A 171 -9.38 -27.90 -4.69
N MET A 172 -8.66 -26.84 -5.03
CA MET A 172 -7.34 -27.02 -5.63
C MET A 172 -6.35 -27.64 -4.64
N HIS A 173 -6.44 -27.27 -3.35
CA HIS A 173 -5.57 -27.87 -2.33
C HIS A 173 -5.83 -29.35 -2.16
N GLN A 174 -7.10 -29.76 -2.21
CA GLN A 174 -7.43 -31.18 -2.13
C GLN A 174 -6.88 -31.94 -3.34
N PHE A 175 -6.95 -31.33 -4.52
CA PHE A 175 -6.35 -31.94 -5.70
C PHE A 175 -4.86 -32.15 -5.54
N MET A 176 -4.15 -31.16 -4.97
CA MET A 176 -2.72 -31.30 -4.75
C MET A 176 -2.40 -32.52 -3.89
N GLU A 177 -3.21 -32.75 -2.86
CA GLU A 177 -2.99 -33.90 -1.98
C GLU A 177 -3.17 -35.22 -2.73
N THR A 178 -4.27 -35.33 -3.47
CA THR A 178 -4.54 -36.56 -4.22
C THR A 178 -3.45 -36.83 -5.24
N GLU A 179 -2.85 -35.80 -5.80
CA GLU A 179 -1.84 -35.94 -6.82
C GLU A 179 -0.42 -36.02 -6.28
N GLY A 180 -0.23 -35.89 -4.97
CA GLY A 180 1.10 -35.87 -4.41
C GLY A 180 1.89 -34.64 -4.78
N LEU A 181 1.21 -33.51 -4.99
CA LEU A 181 1.87 -32.25 -5.31
C LEU A 181 1.99 -31.39 -4.06
N ARG A 182 3.09 -30.64 -3.97
CA ARG A 182 3.33 -29.73 -2.86
C ARG A 182 2.98 -28.31 -3.28
N ASN A 183 2.41 -27.55 -2.35
CA ASN A 183 2.03 -26.17 -2.63
C ASN A 183 3.23 -25.25 -2.43
N ASP A 184 3.64 -24.57 -3.51
CA ASP A 184 4.74 -23.62 -3.46
C ASP A 184 4.28 -22.18 -3.25
N THR A 185 2.98 -21.94 -3.05
CA THR A 185 2.46 -20.58 -2.98
C THR A 185 3.12 -19.78 -1.87
N GLY A 186 3.64 -18.62 -2.23
CA GLY A 186 4.24 -17.74 -1.25
C GLY A 186 4.66 -16.43 -1.85
N ALA A 187 5.79 -15.91 -1.40
CA ALA A 187 6.29 -14.63 -1.88
C ALA A 187 7.29 -14.79 -3.02
N ILE A 188 7.59 -16.00 -3.44
CA ILE A 188 8.52 -16.25 -4.54
C ILE A 188 7.88 -16.92 -5.75
N ARG A 189 7.22 -18.05 -5.58
CA ARG A 189 6.28 -18.48 -6.61
C ARG A 189 4.89 -18.16 -6.08
N LYS A 190 4.17 -17.29 -6.78
CA LYS A 190 3.08 -16.54 -6.18
C LYS A 190 1.71 -16.93 -6.73
N HIS A 191 0.69 -16.77 -5.87
CA HIS A 191 -0.72 -16.77 -6.24
C HIS A 191 -0.98 -15.93 -7.50
N HIS A 192 -1.70 -16.51 -8.47
CA HIS A 192 -1.75 -15.95 -9.83
C HIS A 192 -3.20 -15.94 -10.29
N LEU A 193 -3.70 -14.77 -10.67
CA LEU A 193 -5.05 -14.61 -11.19
C LEU A 193 -4.98 -14.16 -12.63
N ILE A 194 -5.84 -14.71 -13.47
CA ILE A 194 -6.01 -14.22 -14.84
C ILE A 194 -7.46 -13.77 -14.95
N TYR A 195 -7.67 -12.49 -15.25
CA TYR A 195 -8.98 -11.87 -15.19
C TYR A 195 -9.66 -11.99 -16.53
N LEU A 196 -10.70 -12.84 -16.61
CA LEU A 196 -11.47 -13.01 -17.84
C LEU A 196 -12.73 -12.16 -17.86
N SER A 197 -13.02 -11.42 -16.79
CA SER A 197 -14.16 -10.51 -16.73
C SER A 197 -13.72 -9.15 -16.21
N ASP A 198 -14.44 -8.10 -16.61
CA ASP A 198 -14.18 -6.76 -16.12
C ASP A 198 -15.10 -6.45 -14.96
N PRO A 199 -14.59 -6.25 -13.74
CA PRO A 199 -15.49 -5.95 -12.61
C PRO A 199 -16.23 -4.65 -12.75
N ARG A 200 -15.63 -3.63 -13.37
CA ARG A 200 -16.35 -2.38 -13.64
C ARG A 200 -17.54 -2.58 -14.56
N LYS A 201 -17.69 -3.76 -15.16
CA LYS A 201 -18.68 -3.95 -16.22
C LYS A 201 -19.52 -5.22 -16.07
N ALA A 202 -19.46 -5.90 -14.93
CA ALA A 202 -20.29 -7.08 -14.74
C ALA A 202 -20.46 -7.34 -13.24
N ASN A 203 -21.45 -8.16 -12.91
CA ASN A 203 -21.79 -8.40 -11.52
C ASN A 203 -20.82 -9.41 -10.91
N PRO A 204 -20.46 -9.23 -9.63
CA PRO A 204 -19.59 -10.20 -8.96
C PRO A 204 -19.97 -11.65 -9.17
N GLU A 205 -21.27 -11.98 -9.15
CA GLU A 205 -21.67 -13.38 -9.25
C GLU A 205 -21.39 -13.96 -10.64
N LYS A 206 -21.15 -13.13 -11.63
CA LYS A 206 -20.90 -13.61 -12.99
C LYS A 206 -19.43 -13.51 -13.38
N MET A 207 -18.55 -13.14 -12.46
CA MET A 207 -17.13 -12.99 -12.79
C MET A 207 -16.51 -14.36 -13.07
N LYS A 208 -15.57 -14.40 -14.02
CA LYS A 208 -14.75 -15.59 -14.26
C LYS A 208 -13.29 -15.20 -14.11
N THR A 209 -12.58 -15.91 -13.25
CA THR A 209 -11.17 -15.65 -12.98
C THR A 209 -10.43 -16.97 -12.92
N ILE A 210 -9.32 -17.10 -13.65
CA ILE A 210 -8.48 -18.27 -13.48
C ILE A 210 -7.65 -18.09 -12.22
N LEU A 211 -7.63 -19.10 -11.35
CA LEU A 211 -6.74 -19.15 -10.21
C LEU A 211 -5.67 -20.19 -10.49
N ARG A 212 -4.41 -19.80 -10.36
CA ARG A 212 -3.32 -20.70 -10.68
C ARG A 212 -2.33 -20.70 -9.53
N LEU A 213 -1.96 -21.88 -9.07
CA LEU A 213 -1.04 -21.99 -7.95
C LEU A 213 0.19 -22.81 -8.33
N PRO A 214 1.37 -22.35 -7.93
CA PRO A 214 2.59 -23.10 -8.26
C PRO A 214 2.71 -24.34 -7.37
N VAL A 215 3.18 -25.44 -7.96
CA VAL A 215 3.36 -26.70 -7.23
C VAL A 215 4.73 -27.27 -7.54
N SER A 216 5.15 -28.24 -6.72
CA SER A 216 6.40 -28.95 -6.98
C SER A 216 6.32 -30.40 -6.49
N LYS B 13 1.06 9.73 -4.10
CA LYS B 13 0.74 10.36 -2.81
C LYS B 13 0.78 9.33 -1.68
N ILE B 14 1.59 9.60 -0.66
CA ILE B 14 1.76 8.70 0.49
C ILE B 14 0.53 8.82 1.38
N ASP B 15 -0.06 7.70 1.76
CA ASP B 15 -1.04 7.71 2.84
C ASP B 15 -0.61 6.66 3.87
N PHE B 16 -0.08 7.12 5.01
CA PHE B 16 0.44 6.18 6.00
C PHE B 16 -0.64 5.23 6.50
N LYS B 17 -1.89 5.70 6.56
CA LYS B 17 -2.97 4.86 7.08
C LYS B 17 -3.23 3.66 6.18
N LYS B 18 -2.95 3.79 4.88
CA LYS B 18 -3.16 2.67 3.96
C LYS B 18 -1.90 1.84 3.79
N GLU B 19 -0.77 2.50 3.58
CA GLU B 19 0.47 1.80 3.31
C GLU B 19 0.98 1.08 4.54
N GLU B 20 0.69 1.62 5.71
CA GLU B 20 1.18 1.05 6.96
C GLU B 20 0.03 0.92 7.93
N LYS B 21 -1.03 0.24 7.48
CA LYS B 21 -2.31 0.28 8.17
C LYS B 21 -2.24 -0.31 9.58
N LYS B 22 -1.41 -1.33 9.77
CA LYS B 22 -1.30 -1.96 11.09
C LYS B 22 -1.04 -0.94 12.20
N PHE B 23 -0.28 0.12 11.90
CA PHE B 23 0.00 1.15 12.91
C PHE B 23 -1.19 2.05 13.16
N TYR B 24 -2.22 2.00 12.32
CA TYR B 24 -3.35 2.91 12.46
C TYR B 24 -4.69 2.21 12.58
N ALA B 25 -4.71 0.87 12.65
CA ALA B 25 -5.99 0.17 12.67
C ALA B 25 -6.01 -1.10 13.53
N PRO B 26 -5.66 -1.02 14.81
CA PRO B 26 -5.84 -2.19 15.67
C PRO B 26 -7.31 -2.48 15.89
N LYS B 27 -7.57 -3.69 16.37
CA LYS B 27 -8.91 -4.04 16.80
C LYS B 27 -9.06 -3.74 18.29
N ARG B 28 -10.24 -4.06 18.82
CA ARG B 28 -10.57 -3.79 20.22
C ARG B 28 -10.08 -4.90 21.13
N LYS B 29 -8.84 -5.34 20.94
CA LYS B 29 -8.18 -6.28 21.85
C LYS B 29 -6.70 -5.99 21.76
N PRO B 30 -5.93 -6.30 22.80
CA PRO B 30 -4.51 -5.96 22.78
C PRO B 30 -3.73 -6.81 21.79
N GLU B 31 -2.75 -6.20 21.15
CA GLU B 31 -1.86 -6.90 20.24
C GLU B 31 -0.46 -6.35 20.41
N ARG B 32 0.54 -7.20 20.20
CA ARG B 32 1.90 -6.72 20.11
C ARG B 32 2.09 -6.05 18.75
N ILE B 33 2.92 -5.02 18.73
CA ILE B 33 3.28 -4.31 17.50
C ILE B 33 4.70 -3.79 17.66
N PHE B 34 5.50 -3.94 16.61
CA PHE B 34 6.80 -3.29 16.52
C PHE B 34 6.66 -2.07 15.64
N VAL B 35 6.98 -0.89 16.20
CA VAL B 35 6.84 0.38 15.49
C VAL B 35 8.22 0.82 15.02
N PRO B 36 8.50 0.84 13.72
CA PRO B 36 9.84 1.19 13.24
C PRO B 36 10.06 2.70 13.28
N GLU B 37 11.27 3.08 12.89
CA GLU B 37 11.65 4.49 12.89
C GLU B 37 10.71 5.31 12.02
N MET B 38 10.26 6.44 12.56
CA MET B 38 9.40 7.38 11.84
C MET B 38 9.87 8.80 12.08
N ASN B 39 9.44 9.70 11.21
CA ASN B 39 9.79 11.12 11.25
C ASN B 39 8.57 11.92 11.72
N PHE B 40 8.75 12.83 12.69
CA PHE B 40 7.60 13.54 13.24
C PHE B 40 7.83 15.03 13.41
N LEU B 41 6.79 15.83 13.18
CA LEU B 41 6.68 17.13 13.84
C LEU B 41 6.19 16.94 15.27
N MET B 42 6.80 17.64 16.23
CA MET B 42 6.41 17.51 17.63
C MET B 42 6.35 18.86 18.31
N VAL B 43 5.42 19.01 19.26
CA VAL B 43 5.38 20.17 20.15
C VAL B 43 5.20 19.67 21.58
N ASP B 44 6.14 20.01 22.44
CA ASP B 44 6.04 19.70 23.87
C ASP B 44 5.16 20.74 24.54
N GLY B 45 4.45 20.30 25.57
CA GLY B 45 3.58 21.20 26.28
C GLY B 45 3.19 20.63 27.62
N LYS B 46 2.24 21.31 28.27
CA LYS B 46 1.92 20.95 29.64
C LYS B 46 0.47 21.33 29.91
N GLY B 47 -0.15 20.65 30.87
CA GLY B 47 -1.44 21.11 31.32
C GLY B 47 -2.62 20.48 30.62
N ASP B 48 -3.78 21.10 30.85
CA ASP B 48 -5.07 20.52 30.45
C ASP B 48 -5.20 20.53 28.93
N PRO B 49 -5.64 19.43 28.31
CA PRO B 49 -5.82 19.42 26.85
C PRO B 49 -6.82 20.42 26.32
N ASP B 50 -7.78 20.87 27.13
CA ASP B 50 -8.71 21.89 26.65
C ASP B 50 -8.15 23.30 26.80
N GLY B 51 -6.97 23.46 27.39
CA GLY B 51 -6.39 24.77 27.51
C GLY B 51 -5.80 25.28 26.21
N GLU B 52 -5.69 26.61 26.14
CA GLU B 52 -5.06 27.27 24.99
C GLU B 52 -3.75 26.61 24.55
N GLU B 53 -2.90 26.23 25.50
CA GLU B 53 -1.57 25.75 25.12
C GLU B 53 -1.66 24.55 24.18
N TYR B 54 -2.55 23.61 24.50
CA TYR B 54 -2.73 22.44 23.64
C TYR B 54 -3.37 22.82 22.31
N GLN B 55 -4.38 23.69 22.33
CA GLN B 55 -5.01 24.10 21.08
C GLN B 55 -4.02 24.76 20.14
N LYS B 56 -3.14 25.63 20.66
CA LYS B 56 -2.16 26.27 19.80
C LYS B 56 -1.11 25.28 19.31
N ALA B 57 -0.72 24.33 20.15
CA ALA B 57 0.22 23.30 19.70
C ALA B 57 -0.35 22.60 18.49
N VAL B 58 -1.64 22.25 18.54
CA VAL B 58 -2.23 21.54 17.41
C VAL B 58 -2.30 22.42 16.16
N GLN B 59 -2.65 23.73 16.27
CA GLN B 59 -2.66 24.55 15.05
C GLN B 59 -1.26 24.60 14.45
N SER B 60 -0.24 24.75 15.31
CA SER B 60 1.14 24.90 14.83
C SER B 60 1.55 23.67 14.04
N LEU B 61 1.19 22.49 14.53
CA LEU B 61 1.56 21.26 13.82
C LEU B 61 0.89 21.18 12.45
N TYR B 62 -0.43 21.43 12.42
CA TYR B 62 -1.14 21.38 11.15
C TYR B 62 -0.72 22.52 10.23
N ALA B 63 -0.42 23.70 10.77
CA ALA B 63 0.07 24.78 9.94
C ALA B 63 1.35 24.38 9.21
N ILE B 64 2.31 23.78 9.94
CA ILE B 64 3.57 23.37 9.31
C ILE B 64 3.36 22.22 8.35
N ALA B 65 2.58 21.21 8.77
CA ALA B 65 2.37 20.05 7.91
C ALA B 65 1.72 20.45 6.58
N TYR B 66 0.70 21.30 6.63
CA TYR B 66 0.05 21.71 5.39
C TYR B 66 0.92 22.67 4.60
N THR B 67 1.74 23.50 5.26
CA THR B 67 2.70 24.30 4.52
C THR B 67 3.65 23.43 3.72
N ILE B 68 4.15 22.35 4.33
CA ILE B 68 5.03 21.43 3.61
C ILE B 68 4.27 20.73 2.48
N LYS B 69 3.07 20.21 2.78
CA LYS B 69 2.32 19.47 1.76
C LYS B 69 1.99 20.36 0.56
N MET B 70 1.48 21.56 0.82
CA MET B 70 1.03 22.44 -0.26
C MET B 70 2.19 23.12 -0.99
N SER B 71 3.43 22.82 -0.63
CA SER B 71 4.55 23.43 -1.33
C SER B 71 4.56 23.04 -2.80
N LYS B 72 3.97 21.88 -3.13
CA LYS B 72 3.82 21.44 -4.51
C LYS B 72 3.15 22.50 -5.38
N MET B 73 2.23 23.28 -4.81
CA MET B 73 1.46 24.27 -5.55
C MET B 73 2.10 25.65 -5.56
N GLY B 74 3.32 25.77 -5.03
CA GLY B 74 3.96 27.06 -4.96
C GLY B 74 5.17 27.03 -5.86
N GLU B 75 6.16 27.86 -5.58
CA GLU B 75 7.32 27.98 -6.46
C GLU B 75 8.58 27.37 -5.88
N THR B 76 8.53 26.78 -4.69
CA THR B 76 9.69 26.14 -4.10
C THR B 76 9.59 24.62 -4.27
N ARG B 77 10.65 24.01 -4.76
CA ARG B 77 10.72 22.57 -4.95
C ARG B 77 11.51 22.01 -3.77
N LEU B 78 10.80 21.58 -2.73
CA LEU B 78 11.47 20.96 -1.59
C LEU B 78 12.23 19.72 -2.03
N ASP B 79 13.46 19.58 -1.54
CA ASP B 79 14.29 18.46 -1.95
C ASP B 79 13.66 17.15 -1.49
N GLY B 80 13.48 16.22 -2.42
CA GLY B 80 12.88 14.92 -2.13
C GLY B 80 11.38 14.95 -1.91
N TYR B 81 10.71 16.04 -2.28
CA TYR B 81 9.31 16.22 -1.97
C TYR B 81 8.48 15.02 -2.46
N SER B 82 7.51 14.63 -1.63
CA SER B 82 6.44 13.74 -2.04
C SER B 82 5.15 14.24 -1.42
N ASP B 83 4.06 14.22 -2.19
CA ASP B 83 2.79 14.56 -1.56
C ASP B 83 2.41 13.45 -0.55
N PHE B 84 1.60 13.83 0.43
CA PHE B 84 1.19 12.89 1.44
C PHE B 84 -0.13 13.34 2.04
N VAL B 85 -0.94 12.37 2.43
CA VAL B 85 -2.15 12.66 3.21
C VAL B 85 -1.71 12.93 4.65
N VAL B 86 -2.08 14.09 5.18
CA VAL B 86 -1.64 14.40 6.56
C VAL B 86 -2.18 13.34 7.51
N PRO B 87 -1.35 12.71 8.32
CA PRO B 87 -1.77 11.56 9.11
C PRO B 87 -2.55 11.99 10.34
N PRO B 88 -3.07 11.04 11.11
CA PRO B 88 -3.79 11.40 12.34
C PRO B 88 -2.89 12.08 13.36
N LEU B 89 -3.51 12.96 14.14
CA LEU B 89 -2.83 13.55 15.29
C LEU B 89 -2.49 12.47 16.30
N GLU B 90 -1.32 12.58 16.93
CA GLU B 90 -0.96 11.67 18.01
C GLU B 90 -0.45 12.49 19.19
N GLY B 91 -0.24 11.80 20.31
CA GLY B 91 0.26 12.47 21.49
C GLY B 91 0.93 11.51 22.45
N PHE B 92 1.94 12.01 23.14
CA PHE B 92 2.54 11.31 24.28
C PHE B 92 2.12 12.00 25.57
N TRP B 93 1.88 11.22 26.61
CA TRP B 93 1.47 11.73 27.91
C TRP B 93 2.35 11.11 28.98
N TRP B 94 2.81 11.91 29.94
CA TRP B 94 3.58 11.41 31.08
C TRP B 94 3.55 12.43 32.19
N SER B 95 4.38 12.23 33.21
CA SER B 95 4.54 13.19 34.29
C SER B 95 5.84 12.94 35.02
N ARG B 104 -5.26 17.37 36.27
CA ARG B 104 -4.83 17.35 34.87
C ARG B 104 -3.68 18.31 34.61
N ASP B 105 -3.51 19.29 35.48
CA ASP B 105 -2.46 20.29 35.29
C ASP B 105 -1.07 19.71 35.45
N ALA B 106 -0.91 18.58 36.14
CA ALA B 106 0.41 17.98 36.30
C ALA B 106 0.80 17.12 35.10
N TRP B 107 -0.06 16.99 34.11
CA TRP B 107 0.25 16.24 32.90
C TRP B 107 1.28 16.97 32.05
N LEU B 108 2.25 16.22 31.53
CA LEU B 108 3.11 16.72 30.47
C LEU B 108 2.75 15.97 29.19
N TRP B 109 2.89 16.64 28.04
CA TRP B 109 2.49 15.99 26.80
C TRP B 109 3.36 16.46 25.65
N THR B 110 3.33 15.69 24.57
CA THR B 110 3.92 16.06 23.30
C THR B 110 2.88 15.78 22.24
N SER B 111 2.55 16.77 21.42
CA SER B 111 1.62 16.61 20.31
CA SER B 111 1.63 16.59 20.31
C SER B 111 2.44 16.36 19.04
N ILE B 112 2.00 15.41 18.22
CA ILE B 112 2.84 15.01 17.08
C ILE B 112 2.03 14.71 15.83
N LEU B 113 2.70 14.93 14.68
CA LEU B 113 2.21 14.52 13.36
C LEU B 113 3.36 13.87 12.60
N ARG B 114 3.12 12.66 12.09
CA ARG B 114 4.12 12.00 11.27
C ARG B 114 4.34 12.74 9.96
N GLN B 115 5.56 12.67 9.45
CA GLN B 115 5.95 13.31 8.21
C GLN B 115 6.73 12.32 7.34
N PRO B 116 6.70 12.50 6.03
CA PRO B 116 7.55 11.68 5.17
C PRO B 116 9.03 11.94 5.47
N ASP B 117 9.87 11.00 5.02
CA ASP B 117 11.31 11.08 5.30
C ASP B 117 11.97 12.34 4.76
N PHE B 118 11.49 12.87 3.64
CA PHE B 118 12.18 14.02 3.05
C PHE B 118 12.13 15.25 3.93
N VAL B 119 11.29 15.27 4.96
CA VAL B 119 11.19 16.46 5.80
C VAL B 119 12.43 16.52 6.71
N THR B 120 13.32 17.47 6.43
CA THR B 120 14.55 17.69 7.18
C THR B 120 14.43 18.96 8.01
N GLU B 121 15.47 19.23 8.82
CA GLU B 121 15.49 20.49 9.56
C GLU B 121 15.45 21.69 8.63
N GLU B 122 16.06 21.58 7.45
CA GLU B 122 16.02 22.70 6.50
C GLU B 122 14.62 22.91 5.95
N VAL B 123 13.88 21.82 5.71
CA VAL B 123 12.48 21.95 5.29
C VAL B 123 11.64 22.58 6.40
N LEU B 124 11.86 22.17 7.65
CA LEU B 124 11.09 22.73 8.75
C LEU B 124 11.32 24.22 8.87
N GLU B 125 12.58 24.67 8.76
CA GLU B 125 12.86 26.09 8.86
C GLU B 125 12.22 26.85 7.69
N TRP B 126 12.27 26.27 6.49
CA TRP B 126 11.60 26.90 5.36
C TRP B 126 10.11 27.05 5.63
N ALA B 127 9.47 25.97 6.11
CA ALA B 127 8.03 26.00 6.37
C ALA B 127 7.68 27.01 7.45
N LYS B 128 8.52 27.13 8.48
CA LYS B 128 8.24 28.11 9.52
C LYS B 128 8.24 29.52 8.93
N GLU B 129 9.15 29.79 8.00
CA GLU B 129 9.19 31.10 7.36
C GLU B 129 7.96 31.33 6.50
N VAL B 130 7.57 30.34 5.69
CA VAL B 130 6.38 30.50 4.86
C VAL B 130 5.14 30.67 5.72
N ALA B 131 5.04 29.89 6.80
CA ALA B 131 3.86 29.98 7.66
C ALA B 131 3.77 31.34 8.34
N ARG B 132 4.91 31.99 8.61
CA ARG B 132 4.89 33.33 9.18
C ARG B 132 4.23 34.33 8.24
N LYS B 133 4.43 34.16 6.92
CA LYS B 133 3.73 35.00 5.95
C LYS B 133 2.26 34.67 5.86
N LYS B 134 1.95 33.39 5.69
CA LYS B 134 0.58 33.08 5.30
C LYS B 134 -0.37 33.07 6.49
N LYS B 135 0.06 32.55 7.64
CA LYS B 135 -0.76 32.54 8.84
C LYS B 135 0.05 33.07 10.01
N PRO B 136 0.32 34.38 10.04
CA PRO B 136 1.15 34.96 11.10
C PRO B 136 0.51 34.88 12.48
N ASP B 137 -0.77 34.53 12.58
CA ASP B 137 -1.39 34.34 13.89
C ASP B 137 -1.02 32.99 14.52
N VAL B 138 -0.38 32.10 13.76
CA VAL B 138 0.03 30.79 14.25
C VAL B 138 1.48 30.90 14.69
N ASP B 139 1.76 30.60 15.96
CA ASP B 139 3.13 30.61 16.45
C ASP B 139 3.70 29.20 16.33
N THR B 140 4.68 29.03 15.44
CA THR B 140 5.29 27.73 15.19
C THR B 140 6.65 27.58 15.83
N SER B 141 7.04 28.51 16.71
CA SER B 141 8.41 28.51 17.20
C SER B 141 8.75 27.29 18.04
N ARG B 142 7.76 26.57 18.59
CA ARG B 142 8.06 25.39 19.39
C ARG B 142 7.96 24.08 18.61
N VAL B 143 7.64 24.15 17.32
CA VAL B 143 7.59 22.93 16.52
C VAL B 143 9.02 22.45 16.25
N LYS B 144 9.27 21.17 16.52
CA LYS B 144 10.56 20.56 16.25
C LYS B 144 10.37 19.30 15.42
N LEU B 145 11.44 18.88 14.79
CA LEU B 145 11.46 17.67 13.98
C LEU B 145 12.18 16.60 14.80
N VAL B 146 11.53 15.45 15.00
CA VAL B 146 12.08 14.38 15.82
C VAL B 146 11.90 13.06 15.07
N ARG B 147 13.00 12.35 14.83
CA ARG B 147 12.98 11.03 14.23
C ARG B 147 13.33 9.99 15.29
N PHE B 148 12.48 8.98 15.46
CA PHE B 148 12.77 7.97 16.45
C PHE B 148 12.01 6.70 16.13
N GLU B 149 12.55 5.59 16.62
CA GLU B 149 11.94 4.26 16.54
C GLU B 149 11.22 3.96 17.85
N GLU B 150 9.89 3.98 17.82
CA GLU B 150 9.13 3.73 19.04
C GLU B 150 9.36 2.30 19.55
N GLY B 151 9.48 1.33 18.65
CA GLY B 151 9.90 0.01 19.07
C GLY B 151 8.78 -0.91 19.50
N GLU B 152 9.09 -1.81 20.43
CA GLU B 152 8.14 -2.84 20.82
C GLU B 152 7.07 -2.27 21.71
N CYS B 153 5.80 -2.50 21.33
CA CYS B 153 4.66 -1.95 22.06
C CYS B 153 3.56 -2.98 22.12
N VAL B 154 2.56 -2.68 22.95
CA VAL B 154 1.24 -3.30 22.87
C VAL B 154 0.25 -2.20 22.54
N GLN B 155 -0.72 -2.48 21.68
CA GLN B 155 -1.70 -1.45 21.33
C GLN B 155 -3.10 -2.05 21.27
N MET B 156 -4.08 -1.16 21.35
CA MET B 156 -5.48 -1.56 21.34
C MET B 156 -6.34 -0.37 20.96
N MET B 157 -7.44 -0.63 20.24
CA MET B 157 -8.38 0.42 19.91
C MET B 157 -9.25 0.67 21.12
N HIS B 158 -9.23 1.89 21.62
CA HIS B 158 -10.16 2.32 22.65
C HIS B 158 -11.34 3.03 21.99
N VAL B 159 -12.55 2.53 22.23
CA VAL B 159 -13.76 3.18 21.73
C VAL B 159 -14.48 3.75 22.94
N GLY B 160 -14.74 5.05 22.92
CA GLY B 160 -15.45 5.71 23.98
C GLY B 160 -14.65 6.82 24.63
N PRO B 161 -15.17 7.34 25.74
CA PRO B 161 -14.57 8.53 26.37
C PRO B 161 -13.20 8.25 26.98
N PHE B 162 -12.37 9.29 26.99
CA PHE B 162 -11.05 9.18 27.60
C PHE B 162 -11.14 8.82 29.08
N SER B 163 -12.25 9.19 29.73
CA SER B 163 -12.44 8.83 31.13
C SER B 163 -12.57 7.33 31.33
N GLU B 164 -12.90 6.57 30.29
CA GLU B 164 -13.02 5.12 30.41
C GLU B 164 -11.81 4.39 29.84
N ALA B 165 -10.75 5.11 29.49
CA ALA B 165 -9.55 4.47 28.92
C ALA B 165 -8.92 3.48 29.88
N VAL B 166 -9.19 3.60 31.18
CA VAL B 166 -8.64 2.66 32.15
C VAL B 166 -9.12 1.24 31.87
N HIS B 167 -10.31 1.09 31.28
CA HIS B 167 -10.77 -0.25 30.93
C HIS B 167 -9.88 -0.87 29.86
N THR B 168 -9.53 -0.09 28.84
CA THR B 168 -8.64 -0.58 27.78
C THR B 168 -7.23 -0.83 28.31
N VAL B 169 -6.68 0.11 29.08
CA VAL B 169 -5.37 -0.09 29.68
C VAL B 169 -5.38 -1.35 30.54
N ALA B 170 -6.46 -1.59 31.29
CA ALA B 170 -6.51 -2.79 32.12
C ALA B 170 -6.35 -4.06 31.29
N GLU B 171 -7.01 -4.10 30.13
CA GLU B 171 -6.90 -5.28 29.26
C GLU B 171 -5.51 -5.39 28.67
N MET B 172 -4.88 -4.26 28.35
CA MET B 172 -3.51 -4.28 27.84
C MET B 172 -2.54 -4.76 28.90
N HIS B 173 -2.72 -4.31 30.15
CA HIS B 173 -1.85 -4.78 31.23
C HIS B 173 -2.00 -6.28 31.46
N GLN B 174 -3.24 -6.78 31.41
CA GLN B 174 -3.45 -8.20 31.56
C GLN B 174 -2.79 -8.98 30.43
N PHE B 175 -2.87 -8.44 29.20
CA PHE B 175 -2.16 -9.04 28.08
C PHE B 175 -0.65 -9.07 28.35
N MET B 176 -0.08 -7.98 28.85
CA MET B 176 1.34 -7.97 29.19
C MET B 176 1.67 -9.07 30.19
N GLU B 177 0.81 -9.25 31.18
CA GLU B 177 1.09 -10.26 32.20
C GLU B 177 1.09 -11.67 31.62
N THR B 178 0.06 -12.01 30.84
CA THR B 178 -0.03 -13.34 30.25
C THR B 178 1.10 -13.60 29.25
N GLU B 179 1.59 -12.55 28.58
CA GLU B 179 2.64 -12.71 27.58
C GLU B 179 4.05 -12.54 28.15
N GLY B 180 4.18 -12.21 29.43
CA GLY B 180 5.49 -11.99 30.02
C GLY B 180 6.20 -10.75 29.53
N LEU B 181 5.45 -9.71 29.17
CA LEU B 181 6.02 -8.45 28.72
C LEU B 181 6.12 -7.47 29.88
N ARG B 182 7.25 -6.77 29.95
CA ARG B 182 7.43 -5.74 30.96
C ARG B 182 6.84 -4.43 30.45
N ASN B 183 6.11 -3.73 31.32
CA ASN B 183 5.53 -2.45 30.95
C ASN B 183 6.59 -1.37 31.12
N ASP B 184 7.00 -0.72 30.01
CA ASP B 184 8.00 0.33 30.05
C ASP B 184 7.41 1.73 30.19
N THR B 185 6.08 1.87 30.30
CA THR B 185 5.45 3.19 30.29
C THR B 185 6.00 4.07 31.41
N GLY B 186 6.50 5.24 31.02
CA GLY B 186 7.02 6.19 31.99
C GLY B 186 7.39 7.50 31.36
N ALA B 187 8.47 8.12 31.83
CA ALA B 187 8.84 9.43 31.33
C ALA B 187 9.82 9.36 30.19
N ILE B 188 10.29 8.17 29.81
CA ILE B 188 11.22 8.01 28.69
C ILE B 188 10.49 7.41 27.50
N ARG B 189 9.96 6.21 27.66
CA ARG B 189 9.08 5.57 26.68
C ARG B 189 7.67 5.81 27.16
N LYS B 190 6.88 6.55 26.38
CA LYS B 190 5.71 7.23 26.93
C LYS B 190 4.40 6.63 26.44
N HIS B 191 3.41 6.69 27.31
CA HIS B 191 2.01 6.47 26.95
C HIS B 191 1.65 7.24 25.69
N HIS B 192 1.06 6.55 24.70
CA HIS B 192 0.92 7.09 23.35
C HIS B 192 -0.51 6.92 22.85
N LEU B 193 -1.13 8.01 22.42
CA LEU B 193 -2.48 8.00 21.84
C LEU B 193 -2.39 8.40 20.37
N ILE B 194 -3.14 7.72 19.52
CA ILE B 194 -3.33 8.14 18.15
C ILE B 194 -4.82 8.41 17.96
N TYR B 195 -5.16 9.64 17.60
CA TYR B 195 -6.54 10.12 17.58
C TYR B 195 -7.14 9.88 16.20
N LEU B 196 -8.08 8.95 16.11
CA LEU B 196 -8.78 8.70 14.86
C LEU B 196 -10.08 9.47 14.76
N SER B 197 -10.45 10.19 15.83
CA SER B 197 -11.63 11.03 15.87
C SER B 197 -11.25 12.40 16.43
N ASP B 198 -11.98 13.42 16.00
CA ASP B 198 -11.78 14.78 16.51
C ASP B 198 -12.75 15.06 17.66
N MET B 207 -16.02 7.98 19.88
CA MET B 207 -14.61 8.23 19.57
C MET B 207 -13.80 6.95 19.49
N LYS B 208 -12.85 6.94 18.57
CA LYS B 208 -11.91 5.83 18.39
C LYS B 208 -10.50 6.41 18.56
N THR B 209 -9.75 5.85 19.50
CA THR B 209 -8.40 6.31 19.80
C THR B 209 -7.53 5.09 19.98
N ILE B 210 -6.40 5.05 19.31
CA ILE B 210 -5.45 3.97 19.58
C ILE B 210 -4.70 4.30 20.86
N LEU B 211 -4.64 3.34 21.78
CA LEU B 211 -3.76 3.43 22.94
C LEU B 211 -2.59 2.49 22.72
N ARG B 212 -1.38 3.01 22.83
CA ARG B 212 -0.17 2.21 22.59
C ARG B 212 0.78 2.39 23.76
N LEU B 213 1.23 1.28 24.34
CA LEU B 213 2.10 1.28 25.50
C LEU B 213 3.39 0.57 25.16
N PRO B 214 4.55 1.12 25.52
CA PRO B 214 5.83 0.47 25.22
C PRO B 214 6.11 -0.70 26.15
N VAL B 215 6.68 -1.77 25.60
CA VAL B 215 7.00 -2.96 26.39
C VAL B 215 8.43 -3.42 26.12
N SER B 216 8.90 -4.33 26.97
CA SER B 216 10.21 -4.96 26.80
C SER B 216 10.18 -6.41 27.32
#